data_8VCP
#
_entry.id   8VCP
#
_cell.length_a   56.879
_cell.length_b   40.948
_cell.length_c   65.839
_cell.angle_alpha   90.000
_cell.angle_beta   106.500
_cell.angle_gamma   90.000
#
_symmetry.space_group_name_H-M   'P 1 21 1'
#
loop_
_entity.id
_entity.type
_entity.pdbx_description
1 polymer 'Galactose-binding lectin'
2 branched alpha-D-galactopyranose-(1-6)-alpha-D-glucopyranose-(1-2)-beta-D-fructofuranose
3 non-polymer 'CALCIUM ION'
4 non-polymer 'ACETATE ION'
5 non-polymer GLYCEROL
6 water water
#
_entity_poly.entity_id   1
_entity_poly.type   'polypeptide(L)'
_entity_poly.pdbx_seq_one_letter_code
;GHMTTFLIKHKASGKFLHPKGGSSNPANDTNLVLHSDIHERMYFQFDVVDERWGYIKHAASGKIVHPLGGKADPPNETKL
VLHQDRHDRALFAMDFFNDNIIHKAGKYIHPKGGSTNPPNETLTVMHGDKHKAMEFIFVSPKDKDKRVLVYV
;
_entity_poly.pdbx_strand_id   A,B
#
loop_
_chem_comp.id
_chem_comp.type
_chem_comp.name
_chem_comp.formula
ACT non-polymer 'ACETATE ION' 'C2 H3 O2 -1'
CA non-polymer 'CALCIUM ION' 'Ca 2'
FRU D-saccharide, beta linking beta-D-fructofuranose 'C6 H12 O6'
GLA D-saccharide, alpha linking alpha-D-galactopyranose 'C6 H12 O6'
GLC D-saccharide, alpha linking alpha-D-glucopyranose 'C6 H12 O6'
GOL non-polymer GLYCEROL 'C3 H8 O3'
#
# COMPACT_ATOMS: atom_id res chain seq x y z
N MET A 3 14.58 8.92 7.10
CA MET A 3 13.45 9.77 7.58
C MET A 3 12.20 9.44 6.76
N THR A 4 11.87 10.25 5.75
CA THR A 4 10.83 9.91 4.79
C THR A 4 11.42 9.57 3.44
N THR A 5 12.74 9.50 3.36
CA THR A 5 13.41 9.14 2.12
C THR A 5 13.50 7.62 1.98
N PHE A 6 13.58 7.18 0.72
CA PHE A 6 13.73 5.77 0.43
C PHE A 6 14.49 5.62 -0.87
N LEU A 7 14.95 4.40 -1.12
CA LEU A 7 15.56 4.01 -2.38
C LEU A 7 14.55 3.22 -3.17
N ILE A 8 14.48 3.44 -4.48
CA ILE A 8 13.61 2.69 -5.37
C ILE A 8 14.48 1.60 -6.01
N LYS A 9 14.34 0.40 -5.51
CA LYS A 9 15.18 -0.73 -5.90
C LYS A 9 14.48 -1.60 -6.93
N HIS A 10 15.13 -1.80 -8.09
CA HIS A 10 14.70 -2.75 -9.11
C HIS A 10 14.90 -4.15 -8.57
N LYS A 11 13.80 -4.87 -8.32
CA LYS A 11 13.87 -6.09 -7.53
C LYS A 11 14.79 -7.13 -8.18
N ALA A 12 14.70 -7.29 -9.50
CA ALA A 12 15.40 -8.40 -10.15
C ALA A 12 16.91 -8.18 -10.19
N SER A 13 17.37 -6.94 -10.29
CA SER A 13 18.80 -6.67 -10.43
C SER A 13 19.44 -6.14 -9.17
N GLY A 14 18.67 -5.57 -8.27
CA GLY A 14 19.28 -4.85 -7.16
C GLY A 14 19.80 -3.47 -7.50
N LYS A 15 19.62 -3.00 -8.73
CA LYS A 15 19.97 -1.63 -9.05
C LYS A 15 18.86 -0.69 -8.58
N PHE A 16 19.12 0.60 -8.68
CA PHE A 16 18.20 1.61 -8.15
C PHE A 16 17.83 2.64 -9.21
N LEU A 17 16.72 3.35 -8.96
CA LEU A 17 16.37 4.49 -9.81
CA LEU A 17 16.40 4.47 -9.83
C LEU A 17 17.20 5.70 -9.42
N HIS A 18 17.74 6.40 -10.43
CA HIS A 18 18.60 7.57 -10.31
C HIS A 18 18.18 8.62 -11.31
N PRO A 19 18.41 9.89 -11.03
CA PRO A 19 18.50 10.85 -12.14
C PRO A 19 19.75 10.53 -12.93
N LYS A 20 19.62 10.53 -14.26
CA LYS A 20 20.79 10.32 -15.10
C LYS A 20 21.82 11.38 -14.76
N GLY A 21 23.02 10.94 -14.37
CA GLY A 21 24.11 11.83 -14.01
C GLY A 21 24.28 12.03 -12.52
N GLY A 22 23.31 11.60 -11.73
CA GLY A 22 23.43 11.61 -10.28
C GLY A 22 23.52 12.96 -9.60
N SER A 23 23.00 14.02 -10.20
CA SER A 23 23.11 15.34 -9.60
C SER A 23 22.16 15.50 -8.40
N SER A 24 22.54 16.38 -7.49
CA SER A 24 21.59 16.88 -6.50
CA SER A 24 21.62 16.91 -6.50
C SER A 24 20.54 17.79 -7.12
N ASN A 25 20.82 18.34 -8.31
CA ASN A 25 19.94 19.34 -8.93
C ASN A 25 19.77 19.04 -10.42
N PRO A 26 19.23 17.88 -10.76
CA PRO A 26 19.05 17.55 -12.18
C PRO A 26 18.09 18.54 -12.85
N ALA A 27 18.40 18.90 -14.09
CA ALA A 27 17.50 19.79 -14.83
C ALA A 27 16.16 19.14 -15.14
N ASN A 28 15.15 19.98 -15.40
CA ASN A 28 13.94 19.49 -16.03
C ASN A 28 14.28 18.63 -17.25
N ASP A 29 13.53 17.54 -17.36
CA ASP A 29 13.58 16.52 -18.40
C ASP A 29 14.82 15.63 -18.34
N THR A 30 15.54 15.63 -17.22
CA THR A 30 16.59 14.64 -16.98
C THR A 30 15.98 13.24 -16.93
N ASN A 31 16.59 12.30 -17.66
CA ASN A 31 16.03 10.97 -17.65
C ASN A 31 16.17 10.28 -16.30
N LEU A 32 15.19 9.44 -15.99
CA LEU A 32 15.30 8.53 -14.87
CA LEU A 32 15.25 8.52 -14.87
C LEU A 32 15.85 7.20 -15.36
N VAL A 33 16.93 6.76 -14.72
CA VAL A 33 17.70 5.60 -15.20
C VAL A 33 17.89 4.64 -14.04
N LEU A 34 18.37 3.45 -14.38
CA LEU A 34 18.78 2.47 -13.38
CA LEU A 34 18.78 2.44 -13.41
C LEU A 34 20.28 2.52 -13.22
N HIS A 35 20.74 2.46 -11.98
CA HIS A 35 22.17 2.45 -11.69
C HIS A 35 22.39 1.73 -10.37
N SER A 36 23.53 1.05 -10.26
CA SER A 36 23.82 0.29 -9.06
C SER A 36 24.28 1.13 -7.88
N ASP A 37 24.78 2.36 -8.09
CA ASP A 37 25.31 3.16 -6.98
C ASP A 37 24.23 3.57 -6.00
N ILE A 38 24.66 3.88 -4.78
CA ILE A 38 23.82 4.42 -3.71
C ILE A 38 24.46 5.71 -3.21
N HIS A 39 23.65 6.76 -3.05
CA HIS A 39 24.09 8.03 -2.47
C HIS A 39 22.86 8.89 -2.29
N GLU A 40 23.02 10.01 -1.61
CA GLU A 40 21.86 10.78 -1.22
C GLU A 40 21.19 11.45 -2.42
N ARG A 41 21.84 11.47 -3.60
CA ARG A 41 21.25 12.03 -4.78
C ARG A 41 20.42 11.03 -5.57
N MET A 42 20.21 9.82 -5.04
CA MET A 42 19.24 8.91 -5.61
C MET A 42 18.18 8.55 -4.59
N TYR A 43 18.10 9.30 -3.48
CA TYR A 43 16.98 9.16 -2.55
C TYR A 43 15.70 9.78 -3.12
N PHE A 44 14.57 9.11 -2.87
CA PHE A 44 13.27 9.61 -3.29
C PHE A 44 12.35 9.76 -2.10
N GLN A 45 11.30 10.54 -2.31
CA GLN A 45 10.20 10.72 -1.38
C GLN A 45 8.92 10.58 -2.19
N PHE A 46 7.80 10.43 -1.50
CA PHE A 46 6.51 10.31 -2.17
C PHE A 46 5.54 11.23 -1.47
N ASP A 47 4.94 12.14 -2.23
CA ASP A 47 4.03 13.15 -1.70
C ASP A 47 2.62 12.75 -2.12
N VAL A 48 1.81 12.32 -1.14
CA VAL A 48 0.48 11.82 -1.44
C VAL A 48 -0.43 12.96 -1.86
N VAL A 49 -1.21 12.73 -2.92
CA VAL A 49 -2.14 13.73 -3.44
C VAL A 49 -3.60 13.31 -3.22
N ASP A 50 -3.95 12.07 -3.57
CA ASP A 50 -5.35 11.66 -3.50
C ASP A 50 -5.35 10.14 -3.29
N GLU A 51 -5.60 9.70 -2.05
CA GLU A 51 -5.60 8.29 -1.71
C GLU A 51 -4.30 7.64 -2.17
N ARG A 52 -4.34 6.73 -3.15
CA ARG A 52 -3.11 6.04 -3.57
C ARG A 52 -2.24 6.91 -4.45
N TRP A 53 -2.79 7.96 -5.02
CA TRP A 53 -2.09 8.72 -6.06
C TRP A 53 -1.24 9.81 -5.43
N GLY A 54 -0.04 9.98 -5.98
CA GLY A 54 0.84 11.05 -5.51
C GLY A 54 2.00 11.30 -6.47
N TYR A 55 2.94 12.08 -5.99
CA TYR A 55 4.11 12.48 -6.79
C TYR A 55 5.32 11.72 -6.28
N ILE A 56 6.05 11.09 -7.21
CA ILE A 56 7.34 10.48 -6.89
C ILE A 56 8.41 11.55 -7.00
N LYS A 57 9.10 11.85 -5.89
CA LYS A 57 9.91 13.06 -5.79
C LYS A 57 11.38 12.73 -5.56
N HIS A 58 12.25 13.29 -6.42
CA HIS A 58 13.68 13.25 -6.14
C HIS A 58 13.99 14.14 -4.93
N ALA A 59 14.49 13.55 -3.84
CA ALA A 59 14.51 14.28 -2.58
C ALA A 59 15.39 15.52 -2.64
N ALA A 60 16.54 15.43 -3.32
CA ALA A 60 17.51 16.52 -3.22
C ALA A 60 17.07 17.75 -4.01
N SER A 61 16.27 17.56 -5.07
CA SER A 61 15.90 18.68 -5.95
C SER A 61 14.43 19.07 -5.90
N GLY A 62 13.57 18.21 -5.34
CA GLY A 62 12.12 18.42 -5.42
C GLY A 62 11.48 18.18 -6.76
N LYS A 63 12.24 17.82 -7.79
CA LYS A 63 11.62 17.47 -9.07
C LYS A 63 10.89 16.15 -8.91
N ILE A 64 9.81 15.95 -9.69
CA ILE A 64 9.03 14.73 -9.58
C ILE A 64 9.04 13.98 -10.91
N VAL A 65 8.62 12.73 -10.85
CA VAL A 65 8.64 11.85 -12.02
C VAL A 65 7.45 12.18 -12.94
N HIS A 66 7.75 12.39 -14.25
CA HIS A 66 6.78 12.62 -15.31
C HIS A 66 7.02 11.67 -16.46
N PRO A 67 5.96 11.25 -17.17
CA PRO A 67 6.16 10.78 -18.56
C PRO A 67 6.65 11.96 -19.39
N LEU A 68 7.69 11.75 -20.21
CA LEU A 68 8.20 12.84 -21.05
C LEU A 68 7.06 13.41 -21.91
N GLY A 69 6.84 14.71 -21.80
CA GLY A 69 5.75 15.37 -22.51
C GLY A 69 4.46 15.52 -21.71
N GLY A 70 4.32 14.79 -20.60
CA GLY A 70 3.22 15.05 -19.68
C GLY A 70 1.85 14.67 -20.19
N LYS A 71 1.73 13.71 -21.10
CA LYS A 71 0.41 13.33 -21.59
C LYS A 71 -0.33 12.51 -20.55
N ALA A 72 -1.67 12.66 -20.56
CA ALA A 72 -2.52 11.94 -19.62
C ALA A 72 -2.46 10.43 -19.82
N ASP A 73 -2.31 9.99 -21.06
CA ASP A 73 -2.36 8.58 -21.44
C ASP A 73 -1.16 8.27 -22.33
N PRO A 74 0.03 8.29 -21.77
CA PRO A 74 1.27 8.14 -22.58
C PRO A 74 1.35 6.75 -23.21
N PRO A 75 1.85 6.64 -24.44
CA PRO A 75 2.02 5.31 -25.04
C PRO A 75 3.17 4.51 -24.44
N ASN A 76 3.16 3.21 -24.73
CA ASN A 76 4.30 2.36 -24.40
C ASN A 76 5.59 2.95 -24.93
N GLU A 77 6.67 2.82 -24.14
CA GLU A 77 8.05 3.28 -24.39
C GLU A 77 8.22 4.78 -24.16
N THR A 78 7.21 5.48 -23.63
CA THR A 78 7.38 6.87 -23.25
C THR A 78 8.43 6.96 -22.13
N LYS A 79 9.45 7.76 -22.34
CA LYS A 79 10.53 7.86 -21.35
C LYS A 79 10.06 8.56 -20.07
N LEU A 80 10.58 8.12 -18.93
CA LEU A 80 10.31 8.81 -17.67
C LEU A 80 11.41 9.82 -17.40
N VAL A 81 11.00 11.01 -16.95
CA VAL A 81 11.96 12.07 -16.67
C VAL A 81 11.57 12.71 -15.34
N LEU A 82 12.47 13.56 -14.85
CA LEU A 82 12.18 14.42 -13.72
C LEU A 82 11.81 15.80 -14.21
N HIS A 83 10.86 16.43 -13.52
CA HIS A 83 10.39 17.75 -13.94
C HIS A 83 9.76 18.42 -12.73
N GLN A 84 10.03 19.72 -12.59
CA GLN A 84 9.43 20.44 -11.46
CA GLN A 84 9.39 20.43 -11.46
C GLN A 84 7.82 20.65 -11.45
N ASP A 85 7.27 20.58 -12.67
CA ASP A 85 5.84 20.86 -12.72
C ASP A 85 5.04 19.86 -11.89
N ARG A 86 4.00 20.36 -11.22
CA ARG A 86 3.00 19.54 -10.55
C ARG A 86 1.68 19.57 -11.33
N HIS A 87 1.20 18.41 -11.73
CA HIS A 87 -0.12 18.31 -12.32
C HIS A 87 -0.54 16.84 -12.30
N ASP A 88 -1.79 16.59 -12.72
CA ASP A 88 -2.36 15.27 -12.52
C ASP A 88 -1.80 14.21 -13.47
N ARG A 89 -1.08 14.59 -14.52
CA ARG A 89 -0.47 13.57 -15.41
C ARG A 89 0.86 13.06 -14.83
N ALA A 90 1.28 13.64 -13.71
CA ALA A 90 2.45 13.14 -13.01
C ALA A 90 2.05 12.36 -11.76
N LEU A 91 0.82 11.87 -11.71
CA LEU A 91 0.38 11.05 -10.56
C LEU A 91 0.70 9.58 -10.77
N PHE A 92 1.33 8.96 -9.76
CA PHE A 92 1.60 7.54 -9.73
C PHE A 92 1.10 6.97 -8.41
N ALA A 93 0.96 5.65 -8.37
CA ALA A 93 0.74 4.93 -7.12
C ALA A 93 1.89 3.94 -6.91
N MET A 94 2.29 3.80 -5.65
CA MET A 94 3.42 2.97 -5.24
C MET A 94 2.85 1.67 -4.67
N ASP A 95 2.73 0.66 -5.55
CA ASP A 95 2.04 -0.57 -5.16
C ASP A 95 3.06 -1.46 -4.47
N PHE A 96 3.13 -1.33 -3.15
CA PHE A 96 4.09 -2.13 -2.40
C PHE A 96 3.57 -3.49 -2.05
N PHE A 97 2.40 -3.89 -2.61
CA PHE A 97 1.93 -5.27 -2.45
C PHE A 97 2.24 -6.13 -3.66
N ASN A 98 2.03 -5.59 -4.86
CA ASN A 98 2.43 -6.29 -6.08
C ASN A 98 3.83 -5.90 -6.51
N ASP A 99 4.42 -4.89 -5.86
CA ASP A 99 5.79 -4.41 -6.08
C ASP A 99 5.93 -3.79 -7.47
N ASN A 100 5.15 -2.75 -7.75
CA ASN A 100 5.34 -2.05 -9.00
C ASN A 100 4.95 -0.59 -8.82
N ILE A 101 5.24 0.21 -9.84
CA ILE A 101 4.87 1.62 -9.80
C ILE A 101 3.94 1.87 -10.97
N ILE A 102 2.74 2.32 -10.69
CA ILE A 102 1.69 2.42 -11.71
C ILE A 102 1.29 3.88 -11.91
N HIS A 103 1.22 4.29 -13.17
CA HIS A 103 0.79 5.64 -13.51
C HIS A 103 -0.74 5.73 -13.48
N LYS A 104 -1.25 6.95 -13.35
CA LYS A 104 -2.70 7.16 -13.30
C LYS A 104 -3.44 6.52 -14.46
N ALA A 105 -2.85 6.48 -15.66
CA ALA A 105 -3.51 5.89 -16.82
C ALA A 105 -3.28 4.38 -16.94
N GLY A 106 -2.59 3.76 -15.99
CA GLY A 106 -2.60 2.33 -15.91
C GLY A 106 -1.35 1.60 -16.39
N LYS A 107 -0.39 2.30 -17.00
CA LYS A 107 0.87 1.68 -17.37
C LYS A 107 1.84 1.77 -16.20
N TYR A 108 2.93 1.01 -16.31
CA TYR A 108 3.90 0.86 -15.23
C TYR A 108 5.27 1.39 -15.62
N ILE A 109 6.10 1.73 -14.62
CA ILE A 109 7.49 2.04 -14.88
C ILE A 109 8.25 0.73 -15.11
N HIS A 110 8.97 0.67 -16.24
CA HIS A 110 9.82 -0.43 -16.68
C HIS A 110 11.23 0.02 -16.95
N PRO A 111 12.23 -0.86 -16.81
CA PRO A 111 13.48 -0.64 -17.55
C PRO A 111 13.23 -0.77 -19.04
N LYS A 112 13.77 0.19 -19.81
CA LYS A 112 13.65 0.08 -21.26
C LYS A 112 14.26 -1.22 -21.74
N GLY A 113 13.46 -2.00 -22.48
CA GLY A 113 13.88 -3.30 -22.93
C GLY A 113 13.50 -4.45 -22.02
N GLY A 114 13.12 -4.16 -20.76
CA GLY A 114 12.49 -5.16 -19.92
C GLY A 114 13.38 -6.26 -19.36
N SER A 115 14.69 -6.02 -19.27
CA SER A 115 15.62 -7.04 -18.80
C SER A 115 15.53 -7.22 -17.29
N THR A 116 15.70 -8.46 -16.83
CA THR A 116 15.88 -8.66 -15.40
C THR A 116 17.24 -8.15 -14.90
N ASN A 117 18.20 -7.87 -15.79
CA ASN A 117 19.49 -7.30 -15.37
C ASN A 117 19.89 -6.21 -16.34
N PRO A 118 19.22 -5.06 -16.27
CA PRO A 118 19.58 -3.95 -17.13
C PRO A 118 20.94 -3.39 -16.73
N PRO A 119 21.77 -3.02 -17.70
CA PRO A 119 23.04 -2.36 -17.37
C PRO A 119 22.82 -0.99 -16.74
N ASN A 120 23.83 -0.53 -16.03
CA ASN A 120 23.85 0.85 -15.57
C ASN A 120 23.53 1.79 -16.73
N GLU A 121 22.75 2.83 -16.42
CA GLU A 121 22.33 3.91 -17.31
C GLU A 121 21.19 3.50 -18.23
N THR A 122 20.59 2.32 -18.05
CA THR A 122 19.40 1.94 -18.81
C THR A 122 18.28 2.91 -18.48
N LEU A 123 17.60 3.39 -19.51
CA LEU A 123 16.49 4.31 -19.33
C LEU A 123 15.29 3.59 -18.74
N THR A 124 14.41 4.35 -18.08
CA THR A 124 13.10 3.82 -17.74
C THR A 124 12.03 4.40 -18.67
N VAL A 125 11.01 3.57 -18.93
CA VAL A 125 9.91 3.90 -19.84
C VAL A 125 8.60 3.40 -19.23
N MET A 126 7.50 3.96 -19.73
CA MET A 126 6.21 3.43 -19.38
CA MET A 126 6.17 3.46 -19.41
C MET A 126 5.85 2.27 -20.29
N HIS A 127 5.25 1.24 -19.70
CA HIS A 127 4.79 0.12 -20.52
C HIS A 127 3.65 -0.57 -19.81
N GLY A 128 2.63 -1.02 -20.56
CA GLY A 128 1.46 -1.58 -19.88
C GLY A 128 1.62 -2.99 -19.35
N ASP A 129 2.65 -3.74 -19.74
CA ASP A 129 2.76 -5.14 -19.31
C ASP A 129 3.23 -5.21 -17.85
N LYS A 130 2.94 -6.35 -17.22
CA LYS A 130 3.38 -6.65 -15.85
C LYS A 130 4.22 -7.91 -15.92
N HIS A 131 5.42 -7.88 -15.33
CA HIS A 131 6.28 -9.05 -15.27
C HIS A 131 7.41 -8.77 -14.29
N LYS A 132 8.22 -9.81 -14.03
CA LYS A 132 9.23 -9.73 -12.96
C LYS A 132 10.13 -8.52 -13.10
N ALA A 133 10.52 -8.19 -14.33
CA ALA A 133 11.52 -7.16 -14.55
C ALA A 133 11.00 -5.75 -14.37
N MET A 134 9.69 -5.54 -14.17
CA MET A 134 9.21 -4.20 -13.83
C MET A 134 8.87 -4.09 -12.36
N GLU A 135 9.29 -5.06 -11.56
CA GLU A 135 9.00 -4.98 -10.13
C GLU A 135 10.03 -4.13 -9.40
N PHE A 136 9.53 -3.31 -8.47
CA PHE A 136 10.36 -2.44 -7.66
C PHE A 136 9.91 -2.55 -6.21
N ILE A 137 10.88 -2.40 -5.30
CA ILE A 137 10.60 -2.34 -3.86
C ILE A 137 11.26 -1.07 -3.33
N PHE A 138 10.77 -0.62 -2.18
CA PHE A 138 11.05 0.72 -1.65
C PHE A 138 11.70 0.50 -0.30
N VAL A 139 13.00 0.81 -0.20
CA VAL A 139 13.82 0.37 0.92
C VAL A 139 14.47 1.56 1.65
N SER A 140 14.90 1.28 2.87
CA SER A 140 15.51 2.29 3.73
C SER A 140 16.88 2.68 3.22
N PRO A 141 17.21 3.98 3.20
CA PRO A 141 18.59 4.35 2.83
C PRO A 141 19.62 3.74 3.75
N LYS A 142 19.26 3.48 4.99
CA LYS A 142 20.23 2.91 5.93
C LYS A 142 20.11 1.39 6.06
N ASP A 143 19.26 0.75 5.25
CA ASP A 143 19.17 -0.71 5.25
C ASP A 143 18.54 -1.05 3.89
N LYS A 144 19.41 -1.27 2.89
CA LYS A 144 18.92 -1.39 1.52
CA LYS A 144 18.95 -1.42 1.50
C LYS A 144 18.15 -2.68 1.27
N ASP A 145 17.97 -3.51 2.29
CA ASP A 145 17.16 -4.74 2.16
C ASP A 145 15.90 -4.64 3.01
N LYS A 146 15.67 -3.50 3.68
CA LYS A 146 14.52 -3.32 4.56
C LYS A 146 13.51 -2.42 3.87
N ARG A 147 12.31 -2.95 3.62
CA ARG A 147 11.27 -2.12 3.02
C ARG A 147 10.80 -1.05 4.00
N VAL A 148 10.45 0.10 3.43
CA VAL A 148 9.91 1.20 4.22
C VAL A 148 8.62 1.69 3.59
N LEU A 149 7.76 2.27 4.43
CA LEU A 149 6.48 2.78 3.96
C LEU A 149 6.69 4.11 3.27
N VAL A 150 6.28 4.20 1.99
CA VAL A 150 6.45 5.43 1.24
C VAL A 150 5.28 6.39 1.37
N TYR A 151 4.14 5.91 1.87
CA TYR A 151 2.94 6.72 2.07
C TYR A 151 3.06 7.33 3.46
N VAL A 152 3.33 8.63 3.50
CA VAL A 152 3.50 9.38 4.76
C VAL A 152 2.70 10.69 4.68
N GLY B 1 1.99 10.71 13.08
CA GLY B 1 1.36 11.74 13.93
C GLY B 1 -0.02 12.09 13.44
N HIS B 2 -0.70 11.09 12.91
CA HIS B 2 -2.04 11.24 12.30
C HIS B 2 -2.45 9.87 11.78
N MET B 3 -3.70 9.52 12.00
CA MET B 3 -4.28 8.29 11.48
C MET B 3 -5.63 8.61 10.86
N THR B 4 -5.86 8.16 9.63
CA THR B 4 -7.17 8.32 9.02
CA THR B 4 -7.17 8.32 9.02
C THR B 4 -8.20 7.41 9.69
N THR B 5 -9.45 7.77 9.53
CA THR B 5 -10.56 6.97 10.06
C THR B 5 -11.37 6.45 8.88
N PHE B 6 -11.77 5.17 8.92
CA PHE B 6 -12.38 4.56 7.75
C PHE B 6 -13.30 3.42 8.15
N LEU B 7 -14.11 3.00 7.18
CA LEU B 7 -14.95 1.82 7.32
C LEU B 7 -14.27 0.70 6.56
N ILE B 8 -14.34 -0.50 7.09
CA ILE B 8 -13.81 -1.67 6.39
C ILE B 8 -14.98 -2.35 5.69
N LYS B 9 -15.06 -2.19 4.37
CA LYS B 9 -16.23 -2.62 3.60
C LYS B 9 -15.94 -3.92 2.87
N HIS B 10 -16.76 -4.94 3.15
CA HIS B 10 -16.70 -6.21 2.44
C HIS B 10 -17.17 -5.96 1.02
N LYS B 11 -16.26 -6.15 0.05
CA LYS B 11 -16.54 -5.63 -1.28
C LYS B 11 -17.74 -6.34 -1.94
N ALA B 12 -17.85 -7.65 -1.76
CA ALA B 12 -18.90 -8.37 -2.51
C ALA B 12 -20.29 -8.06 -1.98
N SER B 13 -20.42 -7.80 -0.68
CA SER B 13 -21.73 -7.64 -0.07
C SER B 13 -22.07 -6.19 0.23
N GLY B 14 -21.07 -5.33 0.36
CA GLY B 14 -21.28 -3.98 0.83
C GLY B 14 -21.48 -3.85 2.32
N LYS B 15 -21.35 -4.94 3.06
CA LYS B 15 -21.43 -4.85 4.52
C LYS B 15 -20.06 -4.44 5.07
N PHE B 16 -19.99 -4.29 6.39
CA PHE B 16 -18.79 -3.73 7.03
C PHE B 16 -18.36 -4.60 8.20
N LEU B 17 -17.11 -4.44 8.60
CA LEU B 17 -16.65 -5.09 9.82
C LEU B 17 -17.06 -4.28 11.04
N HIS B 18 -17.58 -4.99 12.06
CA HIS B 18 -18.09 -4.48 13.32
C HIS B 18 -17.54 -5.30 14.48
N PRO B 19 -17.40 -4.71 15.65
CA PRO B 19 -17.39 -5.55 16.86
C PRO B 19 -18.79 -6.11 17.08
N LYS B 20 -18.87 -7.39 17.43
CA LYS B 20 -20.18 -7.98 17.63
C LYS B 20 -20.86 -7.26 18.78
N GLY B 21 -22.07 -6.78 18.53
CA GLY B 21 -22.79 -6.01 19.53
C GLY B 21 -22.65 -4.50 19.39
N GLY B 22 -21.66 -4.05 18.62
CA GLY B 22 -21.56 -2.64 18.31
C GLY B 22 -21.20 -1.73 19.46
N SER B 23 -20.50 -2.22 20.48
CA SER B 23 -20.16 -1.42 21.64
C SER B 23 -19.05 -0.40 21.38
N SER B 24 -19.14 0.74 22.07
CA SER B 24 -17.97 1.68 22.10
CA SER B 24 -18.00 1.68 22.10
C SER B 24 -16.68 1.15 22.82
N ASN B 25 -16.93 0.18 23.75
CA ASN B 25 -15.75 -0.48 24.36
C ASN B 25 -16.01 -1.98 24.46
N PRO B 26 -15.83 -2.70 23.36
CA PRO B 26 -16.05 -4.15 23.37
C PRO B 26 -15.13 -4.84 24.36
N ALA B 27 -15.66 -5.85 25.04
CA ALA B 27 -14.81 -6.60 25.93
C ALA B 27 -13.71 -7.29 25.14
N ASN B 28 -12.63 -7.61 25.83
CA ASN B 28 -11.59 -8.41 25.16
C ASN B 28 -12.19 -9.70 24.61
N ASP B 29 -11.76 -10.11 23.43
CA ASP B 29 -12.20 -11.37 22.77
C ASP B 29 -13.59 -11.23 22.14
N THR B 30 -14.06 -10.00 21.99
CA THR B 30 -15.32 -9.78 21.27
C THR B 30 -15.07 -10.14 19.81
N ASN B 31 -15.99 -10.90 19.22
CA ASN B 31 -15.77 -11.27 17.84
C ASN B 31 -15.89 -10.07 16.91
N LEU B 32 -15.11 -10.13 15.82
CA LEU B 32 -15.24 -9.22 14.70
C LEU B 32 -16.25 -9.85 13.73
N VAL B 33 -17.34 -9.13 13.44
CA VAL B 33 -18.38 -9.68 12.57
C VAL B 33 -18.63 -8.75 11.37
N LEU B 34 -19.40 -9.28 10.41
CA LEU B 34 -19.93 -8.47 9.30
C LEU B 34 -21.31 -7.95 9.66
N HIS B 35 -21.58 -6.69 9.32
CA HIS B 35 -22.90 -6.13 9.56
C HIS B 35 -23.12 -4.94 8.62
N SER B 36 -24.37 -4.76 8.18
CA SER B 36 -24.64 -3.69 7.22
C SER B 36 -24.73 -2.29 7.81
N ASP B 37 -24.93 -2.13 9.12
CA ASP B 37 -25.10 -0.80 9.70
C ASP B 37 -23.82 0.04 9.60
N ILE B 38 -23.99 1.36 9.59
CA ILE B 38 -22.89 2.31 9.69
C ILE B 38 -23.10 3.20 10.91
N HIS B 39 -22.08 3.31 11.75
CA HIS B 39 -22.11 4.19 12.92
C HIS B 39 -20.70 4.29 13.47
N GLU B 40 -20.48 5.24 14.39
CA GLU B 40 -19.09 5.46 14.79
C GLU B 40 -18.46 4.33 15.58
N ARG B 41 -19.23 3.36 16.07
CA ARG B 41 -18.66 2.22 16.76
CA ARG B 41 -18.63 2.23 16.75
C ARG B 41 -18.22 1.11 15.81
N MET B 42 -18.32 1.31 14.49
CA MET B 42 -17.69 0.40 13.56
C MET B 42 -16.65 1.13 12.71
N TYR B 43 -16.27 2.35 13.11
CA TYR B 43 -15.10 3.00 12.52
C TYR B 43 -13.80 2.35 12.96
N PHE B 44 -12.83 2.29 12.03
CA PHE B 44 -11.51 1.75 12.30
C PHE B 44 -10.42 2.74 11.88
N GLN B 45 -9.25 2.45 12.41
CA GLN B 45 -8.03 3.20 12.04
C GLN B 45 -6.93 2.14 11.88
N PHE B 46 -5.81 2.53 11.26
CA PHE B 46 -4.70 1.63 11.09
C PHE B 46 -3.44 2.27 11.64
N ASP B 47 -2.90 1.65 12.68
CA ASP B 47 -1.75 2.15 13.40
C ASP B 47 -0.52 1.48 12.80
N VAL B 48 0.22 2.21 11.96
CA VAL B 48 1.36 1.63 11.27
C VAL B 48 2.45 1.30 12.30
N VAL B 49 2.94 0.07 12.26
CA VAL B 49 4.02 -0.38 13.14
C VAL B 49 5.33 -0.54 12.38
N ASP B 50 5.29 -1.23 11.21
CA ASP B 50 6.51 -1.59 10.49
C ASP B 50 6.16 -1.73 9.01
N GLU B 51 6.44 -0.68 8.24
CA GLU B 51 6.22 -0.64 6.80
C GLU B 51 4.76 -0.97 6.52
N ARG B 52 4.46 -2.14 5.91
CA ARG B 52 3.06 -2.48 5.64
C ARG B 52 2.32 -2.96 6.89
N TRP B 53 3.04 -3.37 7.92
CA TRP B 53 2.41 -4.06 9.05
C TRP B 53 1.92 -3.07 10.09
N GLY B 54 0.74 -3.30 10.62
CA GLY B 54 0.24 -2.43 11.67
C GLY B 54 -0.96 -3.04 12.34
N TYR B 55 -1.61 -2.25 13.19
CA TYR B 55 -2.71 -2.72 14.01
C TYR B 55 -4.01 -2.18 13.43
N ILE B 56 -4.96 -3.07 13.22
CA ILE B 56 -6.32 -2.66 12.83
C ILE B 56 -7.03 -2.27 14.10
N LYS B 57 -7.22 -0.97 14.24
CA LYS B 57 -7.71 -0.46 15.53
C LYS B 57 -9.15 0.02 15.49
N HIS B 58 -9.94 -0.51 16.40
CA HIS B 58 -11.28 0.01 16.60
C HIS B 58 -11.21 1.45 17.13
N ALA B 59 -11.79 2.40 16.38
CA ALA B 59 -11.55 3.81 16.69
C ALA B 59 -12.04 4.17 18.09
N ALA B 60 -13.24 3.73 18.44
CA ALA B 60 -13.88 4.16 19.68
C ALA B 60 -13.18 3.59 20.92
N SER B 61 -12.65 2.38 20.85
CA SER B 61 -12.08 1.75 22.04
C SER B 61 -10.56 1.70 22.07
N GLY B 62 -9.89 1.77 20.93
CA GLY B 62 -8.48 1.50 20.90
C GLY B 62 -8.10 0.03 20.91
N LYS B 63 -9.06 -0.88 21.08
CA LYS B 63 -8.74 -2.28 20.92
C LYS B 63 -8.45 -2.59 19.46
N ILE B 64 -7.65 -3.62 19.24
CA ILE B 64 -7.18 -3.96 17.90
C ILE B 64 -7.56 -5.41 17.56
N VAL B 65 -7.48 -5.72 16.27
CA VAL B 65 -7.86 -7.04 15.78
C VAL B 65 -6.74 -8.04 16.04
N HIS B 66 -7.11 -9.20 16.65
CA HIS B 66 -6.26 -10.34 16.97
C HIS B 66 -6.86 -11.62 16.40
N PRO B 67 -6.04 -12.57 15.96
CA PRO B 67 -6.51 -13.97 15.92
C PRO B 67 -6.76 -14.40 17.34
N LEU B 68 -7.90 -15.05 17.55
CA LEU B 68 -8.27 -15.46 18.90
C LEU B 68 -7.17 -16.35 19.47
N GLY B 69 -6.69 -16.01 20.68
CA GLY B 69 -5.58 -16.72 21.28
C GLY B 69 -4.20 -16.18 20.94
N GLY B 70 -4.09 -15.37 19.89
CA GLY B 70 -2.84 -14.70 19.64
C GLY B 70 -1.73 -15.59 19.12
N LYS B 71 -2.07 -16.69 18.44
CA LYS B 71 -1.03 -17.52 17.85
C LYS B 71 -0.37 -16.78 16.69
N ALA B 72 0.93 -17.04 16.50
CA ALA B 72 1.66 -16.36 15.45
C ALA B 72 1.34 -16.93 14.08
N ASP B 73 0.96 -18.20 14.02
CA ASP B 73 0.67 -18.89 12.76
C ASP B 73 -0.71 -19.55 12.88
N PRO B 74 -1.76 -18.74 12.92
CA PRO B 74 -3.12 -19.29 13.18
C PRO B 74 -3.59 -20.18 12.03
N PRO B 75 -4.22 -21.30 12.34
CA PRO B 75 -4.80 -22.16 11.28
C PRO B 75 -6.05 -21.54 10.67
N ASN B 76 -6.39 -22.03 9.46
CA ASN B 76 -7.68 -21.69 8.87
C ASN B 76 -8.81 -21.85 9.87
N GLU B 77 -9.77 -20.92 9.79
CA GLU B 77 -10.97 -20.83 10.62
C GLU B 77 -10.69 -20.26 11.99
N THR B 78 -9.48 -19.79 12.29
CA THR B 78 -9.25 -19.09 13.54
C THR B 78 -10.08 -17.80 13.56
N LYS B 79 -10.85 -17.63 14.62
CA LYS B 79 -11.76 -16.48 14.74
C LYS B 79 -10.97 -15.20 14.99
N LEU B 80 -11.43 -14.09 14.40
CA LEU B 80 -10.86 -12.78 14.68
C LEU B 80 -11.67 -12.06 15.74
N VAL B 81 -10.95 -11.45 16.69
CA VAL B 81 -11.54 -10.79 17.84
C VAL B 81 -10.86 -9.45 18.04
N LEU B 82 -11.44 -8.64 18.91
CA LEU B 82 -10.81 -7.42 19.38
C LEU B 82 -10.15 -7.67 20.73
N HIS B 83 -9.00 -7.02 20.95
CA HIS B 83 -8.31 -7.15 22.24
C HIS B 83 -7.43 -5.93 22.46
N GLN B 84 -7.26 -5.56 23.73
CA GLN B 84 -6.45 -4.38 24.05
C GLN B 84 -4.96 -4.60 23.84
N ASP B 85 -4.47 -5.84 23.89
CA ASP B 85 -3.03 -6.06 23.79
C ASP B 85 -2.49 -5.65 22.43
N ARG B 86 -1.25 -5.17 22.43
CA ARG B 86 -0.53 -4.80 21.23
CA ARG B 86 -0.53 -4.80 21.23
C ARG B 86 0.75 -5.62 21.16
N HIS B 87 0.86 -6.46 20.12
CA HIS B 87 2.05 -7.28 19.92
C HIS B 87 2.04 -7.80 18.49
N ASP B 88 3.13 -8.48 18.14
CA ASP B 88 3.44 -8.80 16.75
C ASP B 88 2.44 -9.76 16.13
N ARG B 89 1.72 -10.54 16.93
CA ARG B 89 0.78 -11.51 16.37
C ARG B 89 -0.54 -10.86 15.98
N ALA B 90 -0.71 -9.57 16.25
CA ALA B 90 -1.85 -8.79 15.79
C ALA B 90 -1.46 -7.86 14.66
N LEU B 91 -0.37 -8.19 13.95
CA LEU B 91 0.06 -7.38 12.81
C LEU B 91 -0.61 -7.85 11.53
N PHE B 92 -1.25 -6.90 10.84
CA PHE B 92 -1.88 -7.13 9.54
C PHE B 92 -1.36 -6.07 8.59
N ALA B 93 -1.59 -6.30 7.29
CA ALA B 93 -1.36 -5.30 6.26
C ALA B 93 -2.66 -5.10 5.50
N MET B 94 -2.93 -3.85 5.11
CA MET B 94 -4.16 -3.44 4.42
CA MET B 94 -4.16 -3.49 4.42
C MET B 94 -3.83 -3.27 2.95
N ASP B 95 -4.05 -4.33 2.16
CA ASP B 95 -3.65 -4.34 0.75
C ASP B 95 -4.72 -3.63 -0.07
N PHE B 96 -4.51 -2.34 -0.35
CA PHE B 96 -5.51 -1.55 -1.03
C PHE B 96 -5.31 -1.57 -2.53
N PHE B 97 -4.39 -2.39 -3.01
CA PHE B 97 -4.21 -2.66 -4.43
C PHE B 97 -4.89 -3.94 -4.86
N ASN B 98 -4.74 -5.02 -4.09
CA ASN B 98 -5.45 -6.26 -4.34
C ASN B 98 -6.75 -6.37 -3.56
N ASP B 99 -7.02 -5.42 -2.66
CA ASP B 99 -8.25 -5.30 -1.88
C ASP B 99 -8.43 -6.50 -0.94
N ASN B 100 -7.48 -6.67 -0.01
CA ASN B 100 -7.68 -7.70 1.00
C ASN B 100 -6.92 -7.31 2.26
N ILE B 101 -7.14 -8.06 3.34
CA ILE B 101 -6.44 -7.82 4.60
C ILE B 101 -5.66 -9.08 4.94
N ILE B 102 -4.35 -8.93 5.07
CA ILE B 102 -3.47 -10.10 5.20
C ILE B 102 -2.76 -10.01 6.55
N HIS B 103 -2.72 -11.15 7.24
CA HIS B 103 -2.02 -11.27 8.50
C HIS B 103 -0.54 -11.52 8.25
N LYS B 104 0.30 -11.20 9.25
CA LYS B 104 1.75 -11.36 9.04
C LYS B 104 2.16 -12.78 8.69
N ALA B 105 1.43 -13.79 9.17
CA ALA B 105 1.75 -15.18 8.79
C ALA B 105 1.14 -15.60 7.46
N GLY B 106 0.43 -14.71 6.75
CA GLY B 106 0.09 -14.97 5.36
C GLY B 106 -1.36 -15.34 5.05
N LYS B 107 -2.20 -15.58 6.03
CA LYS B 107 -3.62 -15.81 5.73
C LYS B 107 -4.38 -14.49 5.71
N TYR B 108 -5.62 -14.55 5.20
CA TYR B 108 -6.45 -13.37 4.99
C TYR B 108 -7.67 -13.37 5.91
N ILE B 109 -8.21 -12.18 6.13
CA ILE B 109 -9.49 -12.08 6.82
C ILE B 109 -10.60 -12.47 5.85
N HIS B 110 -11.44 -13.43 6.26
CA HIS B 110 -12.59 -13.92 5.53
C HIS B 110 -13.86 -13.80 6.35
N PRO B 111 -15.02 -13.68 5.71
CA PRO B 111 -16.25 -14.09 6.39
C PRO B 111 -16.21 -15.60 6.56
N LYS B 112 -16.59 -16.06 7.76
CA LYS B 112 -16.62 -17.50 8.01
C LYS B 112 -17.61 -18.14 7.04
N GLY B 113 -17.13 -19.12 6.28
CA GLY B 113 -17.91 -19.78 5.25
C GLY B 113 -17.71 -19.22 3.86
N GLY B 114 -17.06 -18.08 3.75
CA GLY B 114 -16.68 -17.55 2.45
C GLY B 114 -17.80 -17.07 1.55
N SER B 115 -18.94 -16.65 2.09
CA SER B 115 -20.02 -16.18 1.24
C SER B 115 -19.78 -14.78 0.69
N THR B 116 -20.14 -14.59 -0.59
CA THR B 116 -20.20 -13.24 -1.15
C THR B 116 -21.25 -12.37 -0.46
N ASN B 117 -22.24 -12.99 0.21
CA ASN B 117 -23.36 -12.28 0.79
C ASN B 117 -23.68 -12.88 2.14
N PRO B 118 -22.85 -12.64 3.15
CA PRO B 118 -23.04 -13.26 4.44
C PRO B 118 -24.13 -12.57 5.24
N PRO B 119 -24.83 -13.31 6.10
CA PRO B 119 -25.78 -12.66 7.01
C PRO B 119 -25.09 -11.69 7.94
N ASN B 120 -25.85 -10.68 8.38
CA ASN B 120 -25.39 -9.91 9.53
C ASN B 120 -25.04 -10.86 10.68
N GLU B 121 -23.99 -10.51 11.43
CA GLU B 121 -23.41 -11.22 12.59
C GLU B 121 -22.53 -12.41 12.18
N THR B 122 -22.28 -12.61 10.87
CA THR B 122 -21.36 -13.65 10.44
C THR B 122 -19.98 -13.37 11.03
N LEU B 123 -19.39 -14.38 11.64
CA LEU B 123 -18.06 -14.23 12.22
C LEU B 123 -17.04 -14.01 11.11
N THR B 124 -15.92 -13.36 11.47
CA THR B 124 -14.79 -13.38 10.56
C THR B 124 -13.70 -14.31 11.08
N VAL B 125 -12.97 -14.90 10.13
CA VAL B 125 -11.95 -15.89 10.43
C VAL B 125 -10.76 -15.66 9.53
N MET B 126 -9.65 -16.27 9.91
CA MET B 126 -8.47 -16.31 9.06
CA MET B 126 -8.50 -16.28 9.03
C MET B 126 -8.57 -17.47 8.10
N HIS B 127 -8.14 -17.26 6.86
CA HIS B 127 -8.11 -18.35 5.92
C HIS B 127 -7.14 -18.01 4.81
N GLY B 128 -6.42 -19.04 4.33
CA GLY B 128 -5.40 -18.82 3.31
C GLY B 128 -5.94 -18.61 1.90
N ASP B 129 -7.19 -18.98 1.63
CA ASP B 129 -7.75 -18.87 0.30
C ASP B 129 -7.89 -17.41 -0.13
N LYS B 130 -7.82 -17.22 -1.46
CA LYS B 130 -8.02 -15.89 -2.07
C LYS B 130 -9.16 -16.02 -3.11
N HIS B 131 -10.17 -15.17 -3.02
CA HIS B 131 -11.33 -15.19 -3.92
C HIS B 131 -12.14 -13.92 -3.66
N LYS B 132 -13.21 -13.71 -4.45
CA LYS B 132 -13.92 -12.43 -4.40
CA LYS B 132 -13.87 -12.42 -4.38
C LYS B 132 -14.57 -12.19 -3.04
N ALA B 133 -14.85 -13.22 -2.27
CA ALA B 133 -15.59 -13.03 -1.03
C ALA B 133 -14.69 -12.70 0.15
N MET B 134 -13.36 -12.59 -0.03
CA MET B 134 -12.49 -12.08 1.03
C MET B 134 -11.89 -10.72 0.65
N GLU B 135 -12.46 -10.07 -0.35
CA GLU B 135 -12.00 -8.73 -0.71
C GLU B 135 -12.65 -7.66 0.16
N PHE B 136 -11.85 -6.65 0.55
CA PHE B 136 -12.31 -5.54 1.37
C PHE B 136 -11.72 -4.26 0.80
N ILE B 137 -12.51 -3.15 0.88
CA ILE B 137 -11.99 -1.83 0.53
C ILE B 137 -12.20 -0.94 1.74
N PHE B 138 -11.50 0.18 1.78
CA PHE B 138 -11.40 1.00 2.99
C PHE B 138 -11.87 2.39 2.63
N VAL B 139 -13.00 2.82 3.19
CA VAL B 139 -13.78 3.92 2.64
C VAL B 139 -14.10 4.96 3.71
N SER B 140 -14.47 6.15 3.26
CA SER B 140 -14.75 7.26 4.16
C SER B 140 -16.02 7.02 4.99
N PRO B 141 -16.01 7.37 6.28
CA PRO B 141 -17.26 7.32 7.05
C PRO B 141 -18.32 8.25 6.49
N LYS B 142 -17.92 9.29 5.76
CA LYS B 142 -18.88 10.22 5.15
C LYS B 142 -19.31 9.80 3.76
N ASP B 143 -18.62 8.83 3.14
CA ASP B 143 -18.98 8.41 1.79
C ASP B 143 -18.49 6.97 1.64
N LYS B 144 -19.38 6.01 1.86
CA LYS B 144 -18.96 4.61 1.87
C LYS B 144 -18.49 4.11 0.52
N ASP B 145 -18.49 4.95 -0.53
CA ASP B 145 -17.94 4.54 -1.81
C ASP B 145 -16.63 5.23 -2.14
N LYS B 146 -16.16 6.10 -1.24
CA LYS B 146 -14.89 6.83 -1.46
C LYS B 146 -13.74 6.16 -0.70
N ARG B 147 -12.79 5.61 -1.45
CA ARG B 147 -11.64 4.99 -0.82
C ARG B 147 -10.80 6.04 -0.12
N VAL B 148 -10.25 5.67 1.03
CA VAL B 148 -9.33 6.54 1.75
C VAL B 148 -8.07 5.75 2.09
N LEU B 149 -6.97 6.50 2.22
CA LEU B 149 -5.66 5.91 2.47
C LEU B 149 -5.50 5.60 3.95
N VAL B 150 -5.42 4.31 4.28
CA VAL B 150 -5.39 3.93 5.69
C VAL B 150 -4.01 4.08 6.31
N TYR B 151 -2.98 4.28 5.49
CA TYR B 151 -1.59 4.28 5.94
C TYR B 151 -1.10 5.62 6.42
N VAL B 152 -1.93 6.66 6.35
CA VAL B 152 -1.61 7.99 6.93
C VAL B 152 -2.66 8.39 7.96
C1 FRU C . 10.73 24.04 -25.02
C2 FRU C . 9.52 23.13 -24.85
C3 FRU C . 9.45 22.15 -26.01
C4 FRU C . 7.98 21.86 -26.13
C5 FRU C . 7.36 23.20 -25.75
C6 FRU C . 5.99 23.02 -25.09
O1 FRU C . 10.82 24.93 -23.90
O2 FRU C . 9.65 22.36 -23.65
O3 FRU C . 10.23 20.97 -25.76
O4 FRU C . 7.63 21.43 -27.44
O5 FRU C . 8.28 23.84 -24.87
O6 FRU C . 5.63 24.19 -24.36
C1 GLC C . 8.80 22.71 -22.55
C2 GLC C . 9.58 22.65 -21.24
C3 GLC C . 10.13 21.25 -21.08
C4 GLC C . 9.00 20.26 -21.09
C5 GLC C . 8.19 20.44 -22.36
C6 GLC C . 7.00 19.51 -22.27
O2 GLC C . 10.65 23.59 -21.25
O3 GLC C . 10.83 21.16 -19.85
O4 GLC C . 9.49 18.92 -21.07
O5 GLC C . 7.73 21.78 -22.45
O6 GLC C . 6.34 19.81 -21.06
C1 GLA C . 5.38 18.82 -20.74
C2 GLA C . 4.42 19.35 -19.67
C3 GLA C . 5.15 19.56 -18.37
C4 GLA C . 5.86 18.27 -17.97
C5 GLA C . 6.78 17.84 -19.08
C6 GLA C . 7.46 16.51 -18.75
O2 GLA C . 3.88 20.60 -20.10
O3 GLA C . 4.18 19.90 -17.39
O4 GLA C . 4.87 17.27 -17.75
O5 GLA C . 6.05 17.65 -20.29
O6 GLA C . 8.33 16.16 -19.82
O5 FRU D . 30.84 7.53 -16.25
C1 GLC D . 30.72 7.02 -14.93
C2 GLC D . 30.34 5.54 -15.00
C3 GLC D . 29.07 5.18 -14.23
C4 GLC D . 27.95 6.21 -14.45
C5 GLC D . 28.44 7.60 -14.79
C6 GLC D . 27.51 8.68 -14.24
O2 GLC D . 30.15 5.14 -16.36
O3 GLC D . 29.36 5.09 -12.83
O4 GLC D . 27.18 5.65 -15.51
O5 GLC D . 29.72 7.76 -14.23
O6 GLC D . 27.44 8.47 -12.83
C1 GLA D . 26.62 9.38 -12.13
C2 GLA D . 26.80 9.16 -10.65
C3 GLA D . 26.36 7.76 -10.26
C4 GLA D . 24.92 7.55 -10.68
C5 GLA D . 24.77 7.85 -12.15
C6 GLA D . 23.32 7.79 -12.61
O2 GLA D . 28.17 9.32 -10.31
O3 GLA D . 26.49 7.61 -8.85
O4 GLA D . 24.10 8.46 -9.94
O5 GLA D . 25.25 9.16 -12.45
O6 GLA D . 23.27 8.12 -13.98
O5 FRU E . 10.33 -6.59 -29.39
C1 GLC E . 9.23 -6.66 -28.47
C2 GLC E . 8.13 -5.69 -28.89
C3 GLC E . 8.42 -4.23 -28.60
C4 GLC E . 9.13 -4.03 -27.27
C5 GLC E . 10.23 -5.04 -27.06
C6 GLC E . 10.77 -4.80 -25.66
O2 GLC E . 7.92 -5.80 -30.31
O3 GLC E . 7.17 -3.54 -28.53
O4 GLC E . 9.71 -2.73 -27.24
O5 GLC E . 9.71 -6.36 -27.15
O6 GLC E . 9.72 -5.05 -24.75
C1 GLA E . 10.30 -5.33 -23.48
C2 GLA E . 9.39 -6.18 -22.62
C3 GLA E . 8.11 -5.43 -22.31
C4 GLA E . 8.52 -4.15 -21.61
C5 GLA E . 9.41 -3.35 -22.53
C6 GLA E . 9.86 -2.06 -21.84
O2 GLA E . 9.07 -7.41 -23.27
O3 GLA E . 7.27 -6.20 -21.47
O4 GLA E . 9.23 -4.47 -20.43
O5 GLA E . 10.57 -4.08 -22.84
O6 GLA E . 10.72 -1.36 -22.74
C1 FRU F . -16.91 -29.38 3.68
C2 FRU F . -17.34 -27.96 3.95
C3 FRU F . -18.48 -27.88 4.95
C4 FRU F . -19.35 -26.75 4.43
C5 FRU F . -19.03 -26.67 2.95
C6 FRU F . -18.88 -25.23 2.53
O1 FRU F . -18.03 -30.28 3.69
O2 FRU F . -16.20 -27.24 4.46
O3 FRU F . -18.04 -27.60 6.28
O4 FRU F . -20.73 -26.97 4.63
O5 FRU F . -17.80 -27.38 2.74
O6 FRU F . -18.90 -24.41 3.71
C1 GLC F . -15.43 -26.61 3.43
C2 GLC F . -13.93 -26.81 3.59
C3 GLC F . -13.41 -26.15 4.85
C4 GLC F . -13.73 -24.67 4.73
C5 GLC F . -15.24 -24.55 4.62
C6 GLC F . -15.59 -23.11 4.43
O2 GLC F . -13.66 -28.21 3.66
O3 GLC F . -12.00 -26.32 4.94
O4 GLC F . -13.20 -23.95 5.86
O5 GLC F . -15.72 -25.21 3.46
O6 GLC F . -14.75 -22.65 3.38
C1 GLA F . -15.25 -21.43 2.88
C2 GLA F . -14.53 -21.06 1.59
C3 GLA F . -13.08 -20.76 1.88
C4 GLA F . -12.98 -19.68 2.93
C5 GLA F . -13.69 -20.15 4.19
C6 GLA F . -13.71 -19.11 5.29
O2 GLA F . -14.61 -22.15 0.69
O3 GLA F . -12.48 -20.30 0.68
O4 GLA F . -13.59 -18.50 2.41
O5 GLA F . -15.04 -20.44 3.87
O6 GLA F . -14.39 -19.66 6.42
C1 FRU G . -6.57 -16.43 30.84
C2 FRU G . -7.62 -16.59 29.74
C3 FRU G . -8.98 -16.99 30.27
C4 FRU G . -9.54 -17.91 29.21
C5 FRU G . -8.35 -18.36 28.39
C6 FRU G . -8.59 -18.13 26.91
O1 FRU G . -7.09 -15.64 31.92
O2 FRU G . -7.79 -15.38 29.02
O3 FRU G . -9.85 -15.87 30.45
O4 FRU G . -10.18 -19.03 29.83
O5 FRU G . -7.22 -17.63 28.85
O6 FRU G . -7.34 -18.19 26.20
C1 GLC G . -6.59 -14.62 28.86
C2 GLC G . -6.94 -13.14 28.79
C3 GLC G . -7.87 -12.92 27.63
C4 GLC G . -7.06 -13.29 26.43
C5 GLC G . -6.71 -14.76 26.48
C6 GLC G . -5.85 -15.10 25.29
O2 GLC G . -7.59 -12.69 29.96
O3 GLC G . -8.29 -11.57 27.56
O4 GLC G . -7.84 -13.03 25.27
O5 GLC G . -5.96 -15.03 27.66
O6 GLC G . -4.90 -14.05 25.19
C1 GLA G . -4.14 -14.17 23.99
C2 GLA G . -3.01 -13.15 24.04
C3 GLA G . -3.53 -11.74 23.95
C4 GLA G . -4.41 -11.60 22.72
C5 GLA G . -5.53 -12.61 22.82
C6 GLA G . -6.46 -12.55 21.62
O2 GLA G . -2.31 -13.28 25.28
O3 GLA G . -2.43 -10.86 23.85
O4 GLA G . -3.64 -11.86 21.56
O5 GLA G . -4.98 -13.92 22.87
O6 GLA G . -7.49 -13.51 21.80
O5 FRU H . -30.27 -6.88 15.05
C1 GLC H . -30.12 -7.08 16.42
C2 GLC H . -31.02 -6.15 17.23
C3 GLC H . -30.33 -4.99 17.85
C4 GLC H . -29.08 -5.50 18.48
C5 GLC H . -28.27 -5.93 17.33
C6 GLC H . -26.82 -5.91 17.70
O2 GLC H . -32.03 -5.53 16.46
O3 GLC H . -31.09 -4.36 18.86
O4 GLC H . -28.47 -4.40 19.10
O5 GLC H . -28.72 -7.05 16.65
O6 GLC H . -26.59 -4.76 16.95
C1 GLA H . -25.48 -4.02 17.33
C2 GLA H . -25.51 -2.68 16.66
C3 GLA H . -25.43 -2.80 15.17
C4 GLA H . -24.17 -3.57 14.85
C5 GLA H . -24.24 -4.89 15.57
C6 GLA H . -23.03 -5.75 15.30
O2 GLA H . -26.71 -2.08 17.02
O3 GLA H . -25.36 -1.52 14.64
O4 GLA H . -23.04 -2.83 15.27
O5 GLA H . -24.33 -4.68 16.96
O6 GLA H . -23.11 -6.96 16.00
CA CA I . 8.71 2.30 7.56
C ACT J . -21.99 -17.77 -1.89
O ACT J . -20.94 -17.13 -2.11
OXT ACT J . -22.53 -17.97 -0.77
CH3 ACT J . -22.67 -18.39 -3.14
C1 GOL K . 6.59 -8.72 1.97
O1 GOL K . 7.27 -9.52 1.02
C2 GOL K . 7.24 -8.80 3.33
O2 GOL K . 8.65 -8.61 3.21
C3 GOL K . 6.68 -7.83 4.34
O3 GOL K . 7.43 -7.87 5.55
#